data_1Q4X
#
_entry.id   1Q4X
#
_cell.length_a   56.570
_cell.length_b   56.570
_cell.length_c   390.050
_cell.angle_alpha   90.00
_cell.angle_beta   90.00
_cell.angle_gamma   120.00
#
_symmetry.space_group_name_H-M   'P 65 2 2'
#
loop_
_entity.id
_entity.type
_entity.pdbx_description
1 polymer 'Thyroid hormone receptor beta-1'
2 non-polymer '[4-(3-BENZYL-4-HYDROXYBENZYL)-3,5-DIMETHYLPHENOXY]ACETIC ACID'
3 water water
#
_entity_poly.entity_id   1
_entity_poly.type   'polypeptide(L)'
_entity_poly.pdbx_seq_one_letter_code
;GHKPEPTDEEWELIKTVTEAHVATNAQGSHWKQKRKFLPEDIGQAPIVNAPEGGKVDLEAFSHFTKIITPAITRVVDFAK
KLPMFCELPCEDQIILLKGCCMEIMSLRAAVRYDPESETLTLNGEMAVTRGQLKNGGLGVVSDAIFDLGMSLSSFNLDDT
EVALLQAVLLMSSDRPGLACVERIEKYQDSFLLAFEHYINYRKHHVTHFWPKLLMKVTDLRMIGACHASRFLHMKVECPT
ELFPPLFLEVFED
;
_entity_poly.pdbx_strand_id   A
#
loop_
_chem_comp.id
_chem_comp.type
_chem_comp.name
_chem_comp.formula
G24 non-polymer '[4-(3-BENZYL-4-HYDROXYBENZYL)-3,5-DIMETHYLPHENOXY]ACETIC ACID' 'C24 H24 O4'
#
# COMPACT_ATOMS: atom_id res chain seq x y z
N GLY A 1 -29.92 -10.21 2.47
CA GLY A 1 -29.31 -10.64 3.77
C GLY A 1 -29.22 -9.49 4.74
N HIS A 2 -29.18 -9.79 6.05
CA HIS A 2 -29.09 -8.76 7.09
C HIS A 2 -27.67 -8.20 7.17
N LYS A 3 -26.83 -8.62 6.23
CA LYS A 3 -25.43 -8.21 6.17
C LYS A 3 -24.76 -8.63 7.47
N PRO A 4 -24.22 -9.85 7.49
CA PRO A 4 -23.54 -10.45 8.64
C PRO A 4 -22.23 -9.75 9.01
N GLU A 5 -21.94 -9.75 10.29
CA GLU A 5 -20.74 -9.13 10.81
C GLU A 5 -19.70 -10.22 11.13
N PRO A 6 -18.46 -9.83 11.46
CA PRO A 6 -17.45 -10.85 11.75
C PRO A 6 -17.81 -12.04 12.67
N THR A 7 -17.30 -13.18 12.29
CA THR A 7 -17.52 -14.39 13.04
C THR A 7 -16.38 -14.48 14.06
N ASP A 8 -16.54 -15.36 15.05
CA ASP A 8 -15.48 -15.48 16.05
C ASP A 8 -14.11 -15.61 15.43
N GLU A 9 -13.99 -16.48 14.44
CA GLU A 9 -12.69 -16.68 13.81
C GLU A 9 -12.25 -15.49 12.96
N GLU A 10 -13.21 -14.79 12.36
CA GLU A 10 -12.88 -13.64 11.55
C GLU A 10 -12.38 -12.53 12.44
N TRP A 11 -13.07 -12.31 13.57
CA TRP A 11 -12.65 -11.27 14.49
C TRP A 11 -11.21 -11.55 14.89
N GLU A 12 -10.87 -12.81 15.10
CA GLU A 12 -9.50 -13.15 15.46
C GLU A 12 -8.55 -12.74 14.33
N LEU A 13 -8.94 -13.05 13.09
CA LEU A 13 -8.11 -12.71 11.92
C LEU A 13 -7.98 -11.18 11.83
N ILE A 14 -9.09 -10.48 11.96
CA ILE A 14 -9.06 -9.02 11.92
C ILE A 14 -8.09 -8.46 12.98
N LYS A 15 -8.10 -9.00 14.20
CA LYS A 15 -7.17 -8.47 15.20
C LYS A 15 -5.75 -8.71 14.75
N THR A 16 -5.52 -9.88 14.19
CA THR A 16 -4.19 -10.21 13.75
C THR A 16 -3.68 -9.28 12.65
N VAL A 17 -4.54 -8.99 11.68
CA VAL A 17 -4.13 -8.12 10.57
C VAL A 17 -3.94 -6.70 11.02
N THR A 18 -4.86 -6.19 11.84
CA THR A 18 -4.75 -4.84 12.30
C THR A 18 -3.43 -4.65 13.02
N GLU A 19 -3.11 -5.55 13.94
CA GLU A 19 -1.85 -5.46 14.67
C GLU A 19 -0.66 -5.43 13.70
N ALA A 20 -0.64 -6.33 12.71
CA ALA A 20 0.45 -6.34 11.74
C ALA A 20 0.60 -4.95 11.11
N HIS A 21 -0.56 -4.36 10.78
CA HIS A 21 -0.60 -3.05 10.16
C HIS A 21 -0.17 -1.95 11.08
N VAL A 22 -0.82 -1.83 12.22
CA VAL A 22 -0.47 -0.77 13.17
C VAL A 22 1.01 -0.80 13.56
N ALA A 23 1.53 -1.99 13.87
CA ALA A 23 2.93 -2.14 14.23
C ALA A 23 3.91 -1.72 13.14
N THR A 24 3.53 -1.90 11.88
CA THR A 24 4.44 -1.56 10.81
C THR A 24 4.05 -0.31 10.07
N ASN A 25 3.03 0.38 10.58
CA ASN A 25 2.89 1.77 10.15
C ASN A 25 4.14 2.57 10.51
N ALA A 26 4.42 3.58 9.67
CA ALA A 26 5.61 4.39 9.94
C ALA A 26 5.56 4.95 11.35
N GLN A 27 4.67 5.95 11.55
CA GLN A 27 4.45 6.33 12.93
C GLN A 27 3.11 5.79 13.43
N GLY A 28 2.25 5.49 12.45
CA GLY A 28 0.84 5.48 12.77
C GLY A 28 0.44 6.88 13.23
N SER A 29 -0.88 7.08 13.09
CA SER A 29 -1.32 8.31 12.45
C SER A 29 -1.26 9.48 13.41
N HIS A 30 -0.06 10.09 13.39
CA HIS A 30 0.11 11.38 14.03
C HIS A 30 1.19 12.21 13.35
N TRP A 31 1.04 12.19 12.00
CA TRP A 31 1.68 13.21 11.14
C TRP A 31 1.16 14.61 11.44
N LYS A 32 1.42 14.97 12.67
CA LYS A 32 1.05 16.22 13.29
C LYS A 32 2.17 16.69 14.24
N GLN A 33 2.83 15.74 14.92
CA GLN A 33 4.08 16.07 15.59
C GLN A 33 5.26 15.42 14.87
N LYS A 34 5.18 15.30 13.54
CA LYS A 34 6.23 14.65 12.78
C LYS A 34 6.52 15.27 11.41
N ARG A 35 5.57 15.15 10.49
CA ARG A 35 5.75 15.67 9.14
C ARG A 35 6.17 17.13 8.99
N LYS A 36 6.81 17.42 7.86
CA LYS A 36 7.28 18.76 7.49
C LYS A 36 7.55 18.77 5.97
N PHE A 37 7.13 19.85 5.32
CA PHE A 37 7.19 20.05 3.87
C PHE A 37 8.55 20.37 3.23
N LEU A 38 8.59 20.42 1.89
CA LEU A 38 9.81 20.73 1.15
C LEU A 38 9.68 22.10 0.46
N PRO A 39 10.64 23.01 0.71
CA PRO A 39 10.64 24.37 0.13
C PRO A 39 10.31 24.41 -1.36
N GLY A 54 12.52 22.10 -9.49
CA GLY A 54 12.69 22.14 -10.93
C GLY A 54 11.84 21.13 -11.71
N LYS A 55 12.16 20.93 -13.01
CA LYS A 55 11.39 20.00 -13.81
C LYS A 55 11.96 18.58 -13.71
N VAL A 56 13.19 18.50 -13.14
CA VAL A 56 13.53 17.43 -12.21
C VAL A 56 13.64 17.95 -10.76
N ASP A 57 13.50 17.01 -9.81
CA ASP A 57 13.63 17.38 -8.41
C ASP A 57 14.73 16.59 -7.72
N LEU A 58 15.99 16.95 -7.92
CA LEU A 58 17.05 16.24 -7.22
C LEU A 58 16.83 16.41 -5.73
N GLU A 59 16.07 17.44 -5.37
CA GLU A 59 15.79 17.71 -3.96
C GLU A 59 14.78 16.66 -3.49
N ALA A 60 13.58 16.72 -4.04
CA ALA A 60 12.56 15.76 -3.67
C ALA A 60 13.12 14.33 -3.83
N PHE A 61 13.74 14.06 -4.97
CA PHE A 61 14.28 12.74 -5.22
C PHE A 61 15.29 12.30 -4.19
N SER A 62 16.25 13.16 -3.88
CA SER A 62 17.27 12.82 -2.91
C SER A 62 16.59 12.42 -1.60
N HIS A 63 15.59 13.18 -1.20
CA HIS A 63 14.89 12.88 0.04
C HIS A 63 14.19 11.52 -0.03
N PHE A 64 13.57 11.26 -1.18
CA PHE A 64 12.86 10.00 -1.40
C PHE A 64 13.80 8.84 -1.23
N THR A 65 14.97 8.91 -1.87
CA THR A 65 15.94 7.82 -1.76
C THR A 65 16.27 7.53 -0.31
N LYS A 66 16.09 8.54 0.55
CA LYS A 66 16.37 8.36 1.97
C LYS A 66 15.27 7.65 2.75
N ILE A 67 14.02 7.77 2.36
CA ILE A 67 12.97 7.10 3.12
C ILE A 67 12.36 5.89 2.41
N ILE A 68 12.65 5.76 1.12
CA ILE A 68 12.12 4.67 0.32
C ILE A 68 12.46 3.30 0.93
N THR A 69 13.63 3.21 1.56
CA THR A 69 14.08 1.98 2.16
C THR A 69 13.28 1.54 3.40
N PRO A 70 13.25 2.39 4.44
CA PRO A 70 12.47 2.00 5.62
C PRO A 70 11.01 1.77 5.22
N ALA A 71 10.57 2.50 4.20
CA ALA A 71 9.20 2.40 3.67
C ALA A 71 8.92 1.01 3.10
N ILE A 72 9.85 0.49 2.31
CA ILE A 72 9.72 -0.84 1.72
C ILE A 72 9.86 -1.85 2.85
N THR A 73 10.77 -1.55 3.76
CA THR A 73 11.02 -2.43 4.90
C THR A 73 9.76 -2.66 5.70
N ARG A 74 9.00 -1.61 5.94
CA ARG A 74 7.77 -1.89 6.72
C ARG A 74 6.62 -2.70 6.03
N VAL A 75 6.51 -2.67 4.67
CA VAL A 75 5.63 -3.60 3.92
C VAL A 75 6.05 -5.10 4.09
N VAL A 76 7.36 -5.34 3.97
CA VAL A 76 7.94 -6.65 4.31
C VAL A 76 7.59 -7.11 5.73
N ASP A 77 7.78 -6.19 6.72
CA ASP A 77 7.51 -6.45 8.12
C ASP A 77 6.01 -6.67 8.41
N PHE A 78 5.13 -6.05 7.61
CA PHE A 78 3.70 -6.31 7.70
C PHE A 78 3.45 -7.77 7.33
N ALA A 79 4.01 -8.21 6.21
CA ALA A 79 3.84 -9.58 5.76
C ALA A 79 4.45 -10.57 6.75
N LYS A 80 5.63 -10.27 7.26
CA LYS A 80 6.24 -11.18 8.21
C LYS A 80 5.33 -11.33 9.43
N LYS A 81 4.40 -10.41 9.62
CA LYS A 81 3.50 -10.47 10.78
C LYS A 81 2.14 -11.15 10.53
N LEU A 82 1.97 -11.72 9.34
CA LEU A 82 0.73 -12.43 9.07
C LEU A 82 1.09 -13.92 9.09
N PRO A 83 0.49 -14.65 10.02
CA PRO A 83 0.73 -16.10 10.14
C PRO A 83 0.63 -16.78 8.78
N MET A 84 -0.52 -16.62 8.12
CA MET A 84 -0.75 -17.22 6.81
C MET A 84 0.40 -16.99 5.84
N PHE A 85 0.95 -15.79 5.86
CA PHE A 85 2.03 -15.43 4.95
C PHE A 85 3.35 -16.11 5.33
N CYS A 86 3.59 -16.25 6.63
CA CYS A 86 4.83 -16.87 7.08
C CYS A 86 4.76 -18.33 6.76
N GLU A 87 3.54 -18.82 6.70
CA GLU A 87 3.35 -20.21 6.41
C GLU A 87 3.55 -20.52 4.92
N LEU A 88 4.01 -19.54 4.14
CA LEU A 88 4.23 -19.79 2.73
C LEU A 88 5.71 -19.99 2.48
N PRO A 89 6.04 -20.72 1.41
CA PRO A 89 7.43 -21.00 1.04
C PRO A 89 8.09 -19.70 0.68
N CYS A 90 9.23 -19.44 1.29
CA CYS A 90 9.96 -18.20 1.03
C CYS A 90 9.98 -17.83 -0.45
N GLU A 91 9.95 -18.83 -1.33
CA GLU A 91 10.07 -18.46 -2.76
C GLU A 91 8.89 -17.63 -3.28
N ASP A 92 7.69 -18.07 -2.89
CA ASP A 92 6.43 -17.35 -3.18
C ASP A 92 6.30 -16.03 -2.39
N GLN A 93 6.78 -16.09 -1.10
CA GLN A 93 6.88 -14.93 -0.18
C GLN A 93 7.62 -13.77 -0.83
N ILE A 94 8.75 -14.05 -1.44
CA ILE A 94 9.45 -13.03 -2.30
C ILE A 94 8.66 -12.44 -3.46
N ILE A 95 8.24 -13.30 -4.44
CA ILE A 95 7.39 -12.90 -5.57
C ILE A 95 6.11 -12.19 -5.08
N LEU A 96 5.61 -12.53 -3.87
CA LEU A 96 4.36 -11.92 -3.41
C LEU A 96 4.55 -10.48 -2.93
N LEU A 97 5.66 -10.38 -2.20
CA LEU A 97 6.09 -9.06 -1.73
C LEU A 97 6.43 -8.07 -2.83
N LYS A 98 7.11 -8.54 -3.87
CA LYS A 98 7.50 -7.66 -4.98
C LYS A 98 6.29 -7.14 -5.77
N GLY A 99 5.24 -7.95 -5.81
CA GLY A 99 4.07 -7.58 -6.57
C GLY A 99 3.15 -6.60 -5.90
N CYS A 100 3.08 -6.67 -4.57
CA CYS A 100 2.19 -5.78 -3.86
C CYS A 100 2.93 -4.66 -3.15
N CYS A 101 4.26 -4.67 -3.25
CA CYS A 101 5.00 -3.64 -2.51
C CYS A 101 4.54 -2.22 -2.81
N MET A 102 4.55 -1.85 -4.07
CA MET A 102 4.14 -0.50 -4.44
C MET A 102 2.67 -0.25 -4.11
N GLU A 103 1.83 -1.26 -4.32
CA GLU A 103 0.40 -1.12 -4.05
C GLU A 103 0.13 -0.83 -2.60
N ILE A 104 0.94 -1.40 -1.70
CA ILE A 104 0.73 -1.14 -0.29
C ILE A 104 1.34 0.19 0.11
N MET A 105 2.49 0.53 -0.44
CA MET A 105 3.08 1.81 -0.11
C MET A 105 2.19 2.95 -0.55
N SER A 106 1.64 2.84 -1.75
CA SER A 106 0.76 3.88 -2.26
C SER A 106 -0.47 3.97 -1.41
N LEU A 107 -1.06 2.83 -1.06
CA LEU A 107 -2.23 2.90 -0.22
C LEU A 107 -1.83 3.69 1.03
N ARG A 108 -0.82 3.23 1.74
CA ARG A 108 -0.39 3.91 2.95
C ARG A 108 -0.17 5.43 2.82
N ALA A 109 0.22 5.86 1.62
CA ALA A 109 0.45 7.27 1.37
C ALA A 109 -0.86 8.00 1.05
N ALA A 110 -1.72 7.32 0.27
CA ALA A 110 -3.00 7.85 -0.15
C ALA A 110 -3.85 8.22 1.04
N VAL A 111 -3.87 7.36 2.05
CA VAL A 111 -4.68 7.62 3.24
C VAL A 111 -4.14 8.72 4.12
N ARG A 112 -3.05 9.34 3.68
CA ARG A 112 -2.48 10.43 4.46
C ARG A 112 -2.50 11.74 3.68
N TYR A 113 -3.50 11.85 2.81
CA TYR A 113 -3.72 13.04 2.01
C TYR A 113 -4.43 14.08 2.87
N ASP A 114 -3.81 15.25 3.01
CA ASP A 114 -4.38 16.34 3.76
C ASP A 114 -4.93 17.33 2.76
N PRO A 115 -6.26 17.45 2.67
CA PRO A 115 -6.83 18.40 1.71
C PRO A 115 -6.40 19.84 1.98
N GLU A 116 -6.20 20.19 3.26
CA GLU A 116 -5.78 21.54 3.63
C GLU A 116 -4.44 21.83 2.95
N SER A 117 -3.41 21.08 3.30
CA SER A 117 -2.09 21.25 2.71
C SER A 117 -1.96 20.63 1.31
N GLU A 118 -2.98 19.89 0.89
CA GLU A 118 -2.98 19.21 -0.40
C GLU A 118 -1.68 18.44 -0.57
N THR A 119 -1.37 17.65 0.44
CA THR A 119 -0.17 16.87 0.48
C THR A 119 -0.35 15.47 1.05
N LEU A 120 0.49 14.54 0.59
CA LEU A 120 0.47 13.18 1.09
C LEU A 120 1.60 13.18 2.09
N THR A 121 1.74 12.09 2.82
CA THR A 121 2.82 12.00 3.77
C THR A 121 3.45 10.64 3.57
N LEU A 122 4.74 10.67 3.25
CA LEU A 122 5.51 9.46 2.98
C LEU A 122 6.34 9.03 4.17
N ASN A 123 6.33 7.72 4.47
CA ASN A 123 7.08 7.16 5.61
C ASN A 123 6.61 7.90 6.88
N GLY A 124 5.40 8.45 6.82
CA GLY A 124 4.85 9.19 7.94
C GLY A 124 5.71 10.34 8.43
N GLU A 125 6.60 10.86 7.59
CA GLU A 125 7.48 11.98 7.97
C GLU A 125 7.41 13.13 6.97
N MET A 126 7.66 12.83 5.70
CA MET A 126 7.69 13.83 4.64
C MET A 126 6.39 14.09 3.92
N ALA A 127 5.85 15.29 4.07
CA ALA A 127 4.62 15.63 3.38
C ALA A 127 5.04 16.23 2.04
N VAL A 128 4.44 15.77 0.95
CA VAL A 128 4.79 16.29 -0.37
C VAL A 128 3.59 16.71 -1.17
N THR A 129 3.82 17.57 -2.14
CA THR A 129 2.75 18.05 -3.00
C THR A 129 2.67 17.15 -4.22
N ARG A 130 1.69 17.39 -5.09
CA ARG A 130 1.58 16.57 -6.28
C ARG A 130 2.82 16.75 -7.14
N GLY A 131 3.15 18.00 -7.43
CA GLY A 131 4.30 18.29 -8.26
C GLY A 131 5.62 17.78 -7.73
N GLN A 132 5.82 17.97 -6.43
CA GLN A 132 7.05 17.53 -5.78
C GLN A 132 7.25 16.04 -6.06
N LEU A 133 6.18 15.28 -5.85
CA LEU A 133 6.22 13.84 -6.07
C LEU A 133 6.28 13.51 -7.55
N LYS A 134 5.60 14.31 -8.37
CA LYS A 134 5.64 14.06 -9.81
C LYS A 134 7.05 14.21 -10.37
N ASN A 135 7.72 15.29 -10.02
CA ASN A 135 9.05 15.52 -10.54
C ASN A 135 10.19 15.03 -9.66
N GLY A 136 9.83 14.37 -8.56
CA GLY A 136 10.82 13.82 -7.65
C GLY A 136 11.11 12.37 -8.01
N GLY A 137 10.49 11.89 -9.08
CA GLY A 137 10.73 10.53 -9.54
C GLY A 137 9.57 9.60 -9.89
N LEU A 138 8.33 9.97 -9.56
CA LEU A 138 7.19 9.11 -9.86
C LEU A 138 6.41 9.42 -11.12
N GLY A 139 6.50 10.66 -11.58
CA GLY A 139 5.78 11.03 -12.79
C GLY A 139 4.27 11.08 -12.62
N VAL A 140 3.57 10.51 -13.60
CA VAL A 140 2.11 10.51 -13.60
C VAL A 140 1.51 9.67 -12.44
N VAL A 141 2.32 8.77 -11.89
CA VAL A 141 1.88 7.95 -10.78
C VAL A 141 1.45 8.86 -9.61
N SER A 142 2.17 9.98 -9.47
CA SER A 142 1.87 10.96 -8.43
C SER A 142 0.41 11.44 -8.59
N ASP A 143 0.00 11.63 -9.84
CA ASP A 143 -1.37 12.06 -10.13
C ASP A 143 -2.32 10.97 -9.64
N ALA A 144 -1.99 9.72 -9.98
CA ALA A 144 -2.76 8.54 -9.61
C ALA A 144 -2.90 8.34 -8.11
N ILE A 145 -1.79 8.48 -7.39
CA ILE A 145 -1.87 8.29 -5.95
C ILE A 145 -2.58 9.48 -5.32
N PHE A 146 -2.35 10.66 -5.88
CA PHE A 146 -3.01 11.83 -5.34
C PHE A 146 -4.51 11.73 -5.59
N ASP A 147 -4.89 11.29 -6.78
CA ASP A 147 -6.31 11.16 -7.09
C ASP A 147 -6.91 10.19 -6.07
N LEU A 148 -6.27 9.04 -5.93
CA LEU A 148 -6.72 8.01 -5.00
C LEU A 148 -6.84 8.56 -3.58
N GLY A 149 -5.89 9.40 -3.20
CA GLY A 149 -5.90 9.96 -1.87
C GLY A 149 -7.13 10.79 -1.63
N MET A 150 -7.35 11.76 -2.51
CA MET A 150 -8.50 12.64 -2.38
C MET A 150 -9.75 11.76 -2.39
N SER A 151 -9.76 10.82 -3.33
CA SER A 151 -10.87 9.89 -3.50
C SER A 151 -11.24 9.14 -2.22
N LEU A 152 -10.24 8.87 -1.39
CA LEU A 152 -10.43 8.11 -0.16
C LEU A 152 -10.93 8.86 1.07
N SER A 153 -10.82 10.18 1.06
CA SER A 153 -11.26 10.99 2.19
C SER A 153 -12.70 10.64 2.47
N SER A 154 -13.49 10.62 1.41
CA SER A 154 -14.90 10.31 1.47
C SER A 154 -15.17 8.92 2.08
N PHE A 155 -14.25 7.98 1.88
CA PHE A 155 -14.40 6.62 2.40
C PHE A 155 -14.26 6.49 3.91
N ASN A 156 -13.39 7.29 4.51
CA ASN A 156 -13.21 7.25 5.95
C ASN A 156 -12.82 5.84 6.38
N LEU A 157 -11.59 5.41 6.11
CA LEU A 157 -11.19 4.06 6.49
C LEU A 157 -10.41 4.04 7.81
N ASP A 158 -10.64 3.02 8.63
CA ASP A 158 -9.87 2.93 9.88
C ASP A 158 -8.68 1.96 9.66
N ASP A 159 -7.89 1.75 10.71
CA ASP A 159 -6.73 0.88 10.64
C ASP A 159 -7.01 -0.50 10.06
N THR A 160 -8.08 -1.11 10.54
CA THR A 160 -8.48 -2.44 10.12
C THR A 160 -8.77 -2.51 8.63
N GLU A 161 -9.56 -1.56 8.15
CA GLU A 161 -9.91 -1.58 6.75
C GLU A 161 -8.66 -1.47 5.88
N VAL A 162 -7.81 -0.49 6.15
CA VAL A 162 -6.56 -0.33 5.43
C VAL A 162 -5.71 -1.61 5.53
N ALA A 163 -5.63 -2.16 6.75
CA ALA A 163 -4.89 -3.39 6.99
C ALA A 163 -5.46 -4.52 6.15
N LEU A 164 -6.77 -4.69 6.18
CA LEU A 164 -7.37 -5.76 5.42
C LEU A 164 -7.05 -5.54 3.95
N LEU A 165 -7.10 -4.30 3.54
CA LEU A 165 -6.81 -3.95 2.15
C LEU A 165 -5.40 -4.39 1.78
N GLN A 166 -4.46 -4.11 2.67
CA GLN A 166 -3.08 -4.50 2.40
C GLN A 166 -3.01 -6.02 2.32
N ALA A 167 -3.77 -6.68 3.19
CA ALA A 167 -3.77 -8.14 3.21
C ALA A 167 -4.28 -8.67 1.88
N VAL A 168 -5.39 -8.12 1.41
CA VAL A 168 -5.91 -8.58 0.16
C VAL A 168 -4.92 -8.36 -0.97
N LEU A 169 -4.33 -7.18 -1.00
CA LEU A 169 -3.34 -6.92 -2.03
C LEU A 169 -2.21 -7.95 -1.97
N LEU A 170 -1.70 -8.18 -0.76
CA LEU A 170 -0.60 -9.12 -0.56
C LEU A 170 -0.94 -10.52 -1.08
N MET A 171 -2.10 -11.01 -0.71
CA MET A 171 -2.51 -12.36 -1.11
C MET A 171 -3.07 -12.53 -2.51
N SER A 172 -2.42 -11.91 -3.49
CA SER A 172 -2.81 -12.00 -4.90
C SER A 172 -2.22 -13.25 -5.60
N SER A 173 -3.04 -14.20 -6.03
CA SER A 173 -2.49 -15.41 -6.65
C SER A 173 -2.25 -15.32 -8.15
N ASP A 174 -2.20 -14.11 -8.67
CA ASP A 174 -2.00 -13.92 -10.09
C ASP A 174 -0.57 -13.50 -10.42
N ARG A 175 0.26 -13.32 -9.38
CA ARG A 175 1.67 -12.92 -9.59
C ARG A 175 2.36 -14.13 -10.21
N PRO A 176 3.03 -13.93 -11.34
CA PRO A 176 3.71 -15.05 -12.01
C PRO A 176 4.82 -15.66 -11.17
N GLY A 177 4.89 -16.99 -11.21
CA GLY A 177 5.91 -17.71 -10.47
C GLY A 177 5.42 -18.40 -9.21
N LEU A 178 4.28 -17.99 -8.68
CA LEU A 178 3.77 -18.62 -7.46
C LEU A 178 3.51 -20.10 -7.68
N ALA A 179 3.74 -20.87 -6.62
CA ALA A 179 3.53 -22.31 -6.63
C ALA A 179 2.26 -22.62 -5.86
N CYS A 180 2.18 -22.11 -4.63
CA CYS A 180 1.02 -22.35 -3.78
C CYS A 180 -0.16 -21.42 -4.11
N VAL A 181 -0.53 -21.41 -5.38
CA VAL A 181 -1.61 -20.55 -5.82
C VAL A 181 -2.95 -20.77 -5.09
N GLU A 182 -3.39 -22.01 -5.03
CA GLU A 182 -4.65 -22.34 -4.37
C GLU A 182 -4.70 -21.93 -2.88
N ARG A 183 -3.59 -22.09 -2.18
CA ARG A 183 -3.56 -21.74 -0.77
C ARG A 183 -3.60 -20.20 -0.63
N ILE A 184 -2.88 -19.52 -1.51
CA ILE A 184 -2.84 -18.07 -1.50
C ILE A 184 -4.25 -17.52 -1.77
N GLU A 185 -4.98 -18.21 -2.65
CA GLU A 185 -6.35 -17.82 -2.95
C GLU A 185 -7.24 -18.09 -1.76
N LYS A 186 -6.96 -19.18 -1.04
CA LYS A 186 -7.74 -19.53 0.15
C LYS A 186 -7.61 -18.44 1.22
N TYR A 187 -6.37 -18.03 1.52
CA TYR A 187 -6.07 -16.99 2.50
C TYR A 187 -6.72 -15.66 2.09
N GLN A 188 -6.61 -15.34 0.80
CA GLN A 188 -7.20 -14.12 0.32
C GLN A 188 -8.71 -14.09 0.52
N ASP A 189 -9.40 -15.10 0.00
CA ASP A 189 -10.85 -15.15 0.14
C ASP A 189 -11.20 -15.03 1.61
N SER A 190 -10.33 -15.58 2.44
CA SER A 190 -10.54 -15.56 3.87
C SER A 190 -10.49 -14.12 4.42
N PHE A 191 -9.56 -13.32 3.90
CA PHE A 191 -9.43 -11.93 4.31
C PHE A 191 -10.61 -11.15 3.76
N LEU A 192 -10.89 -11.36 2.48
CA LEU A 192 -11.98 -10.69 1.81
C LEU A 192 -13.31 -10.78 2.54
N LEU A 193 -13.58 -11.99 3.02
CA LEU A 193 -14.82 -12.25 3.72
C LEU A 193 -14.84 -11.51 5.05
N ALA A 194 -13.76 -11.64 5.82
CA ALA A 194 -13.65 -10.99 7.10
C ALA A 194 -13.83 -9.48 6.89
N PHE A 195 -13.24 -9.00 5.81
CA PHE A 195 -13.27 -7.59 5.42
C PHE A 195 -14.72 -7.14 5.13
N GLU A 196 -15.37 -7.95 4.32
CA GLU A 196 -16.73 -7.70 3.91
C GLU A 196 -17.66 -7.64 5.12
N HIS A 197 -17.40 -8.49 6.09
CA HIS A 197 -18.20 -8.52 7.30
C HIS A 197 -17.83 -7.40 8.23
N TYR A 198 -16.56 -7.02 8.26
CA TYR A 198 -16.13 -5.93 9.11
C TYR A 198 -16.83 -4.67 8.62
N ILE A 199 -16.92 -4.58 7.29
CA ILE A 199 -17.58 -3.45 6.63
C ILE A 199 -19.07 -3.45 6.99
N ASN A 200 -19.65 -4.64 7.14
CA ASN A 200 -21.06 -4.72 7.49
C ASN A 200 -21.28 -4.13 8.85
N TYR A 201 -20.30 -4.34 9.72
CA TYR A 201 -20.37 -3.84 11.08
C TYR A 201 -20.21 -2.31 11.12
N ARG A 202 -19.25 -1.81 10.34
CA ARG A 202 -18.95 -0.39 10.30
C ARG A 202 -20.06 0.53 9.82
N LYS A 203 -20.80 0.07 8.82
CA LYS A 203 -21.90 0.85 8.29
C LYS A 203 -21.50 2.25 7.87
N HIS A 204 -20.80 2.35 6.76
CA HIS A 204 -20.38 3.65 6.25
C HIS A 204 -21.55 4.29 5.56
N HIS A 205 -21.67 5.61 5.68
CA HIS A 205 -22.76 6.30 5.01
C HIS A 205 -22.30 6.66 3.61
N VAL A 206 -22.20 5.62 2.78
CA VAL A 206 -21.78 5.74 1.40
C VAL A 206 -22.56 4.63 0.69
N THR A 207 -23.32 4.98 -0.33
CA THR A 207 -24.10 3.97 -1.03
C THR A 207 -23.17 3.06 -1.81
N HIS A 208 -23.43 1.75 -1.76
CA HIS A 208 -22.60 0.79 -2.49
C HIS A 208 -21.15 0.95 -2.08
N PHE A 209 -20.94 1.04 -0.79
CA PHE A 209 -19.61 1.22 -0.25
C PHE A 209 -18.65 0.06 -0.57
N TRP A 210 -19.10 -1.17 -0.41
CA TRP A 210 -18.23 -2.30 -0.68
C TRP A 210 -17.72 -2.36 -2.13
N PRO A 211 -18.61 -2.20 -3.12
CA PRO A 211 -18.19 -2.23 -4.53
C PRO A 211 -17.22 -1.11 -4.86
N LYS A 212 -17.56 0.08 -4.37
CA LYS A 212 -16.77 1.29 -4.55
C LYS A 212 -15.33 1.08 -4.03
N LEU A 213 -15.22 0.38 -2.91
CA LEU A 213 -13.94 0.12 -2.29
C LEU A 213 -13.08 -0.84 -3.11
N LEU A 214 -13.63 -2.00 -3.43
CA LEU A 214 -12.89 -2.98 -4.22
C LEU A 214 -12.34 -2.37 -5.53
N MET A 215 -13.01 -1.34 -6.04
CA MET A 215 -12.53 -0.67 -7.25
C MET A 215 -11.25 0.12 -7.00
N LYS A 216 -11.04 0.48 -5.74
CA LYS A 216 -9.85 1.22 -5.36
C LYS A 216 -8.68 0.26 -5.42
N VAL A 217 -8.98 -1.01 -5.16
CA VAL A 217 -7.94 -2.02 -5.21
C VAL A 217 -7.47 -2.16 -6.66
N THR A 218 -8.41 -2.11 -7.60
CA THR A 218 -8.05 -2.19 -9.01
C THR A 218 -7.16 -0.99 -9.34
N ASP A 219 -7.42 0.14 -8.70
CA ASP A 219 -6.61 1.32 -8.94
C ASP A 219 -5.20 1.11 -8.39
N LEU A 220 -5.12 0.58 -7.17
CA LEU A 220 -3.81 0.34 -6.57
C LEU A 220 -3.05 -0.67 -7.43
N ARG A 221 -3.78 -1.59 -8.06
CA ARG A 221 -3.11 -2.56 -8.92
C ARG A 221 -2.59 -1.83 -10.15
N MET A 222 -3.43 -0.99 -10.76
CA MET A 222 -3.01 -0.23 -11.94
C MET A 222 -1.73 0.55 -11.61
N ILE A 223 -1.74 1.25 -10.48
CA ILE A 223 -0.57 2.01 -10.06
C ILE A 223 0.62 1.05 -10.06
N GLY A 224 0.47 -0.06 -9.36
CA GLY A 224 1.52 -1.04 -9.32
C GLY A 224 2.08 -1.35 -10.70
N ALA A 225 1.22 -1.60 -11.67
CA ALA A 225 1.69 -1.91 -13.01
C ALA A 225 2.35 -0.71 -13.70
N CYS A 226 1.78 0.47 -13.51
CA CYS A 226 2.34 1.63 -14.16
C CYS A 226 3.71 1.92 -13.60
N HIS A 227 3.84 1.78 -12.29
CA HIS A 227 5.11 2.04 -11.64
C HIS A 227 6.15 1.03 -12.13
N ALA A 228 5.72 -0.20 -12.36
CA ALA A 228 6.61 -1.24 -12.84
C ALA A 228 7.12 -0.87 -14.22
N SER A 229 6.18 -0.51 -15.09
CA SER A 229 6.49 -0.13 -16.45
C SER A 229 7.44 1.03 -16.38
N ARG A 230 7.07 2.01 -15.57
CA ARG A 230 7.84 3.21 -15.39
C ARG A 230 9.30 2.90 -15.05
N PHE A 231 9.51 2.22 -13.93
CA PHE A 231 10.86 1.91 -13.50
C PHE A 231 11.68 1.17 -14.53
N LEU A 232 11.08 0.25 -15.28
CA LEU A 232 11.84 -0.50 -16.29
C LEU A 232 12.27 0.34 -17.50
N HIS A 233 11.47 1.35 -17.86
CA HIS A 233 11.78 2.24 -18.99
C HIS A 233 13.00 3.08 -18.67
N MET A 234 13.24 3.30 -17.39
CA MET A 234 14.37 4.09 -16.94
C MET A 234 15.33 3.14 -16.21
N LYS A 235 14.84 1.93 -15.95
CA LYS A 235 15.60 0.88 -15.28
C LYS A 235 17.06 0.93 -15.73
N VAL A 236 17.23 1.03 -17.05
CA VAL A 236 18.54 1.21 -17.67
C VAL A 236 18.61 2.36 -18.70
N GLU A 237 18.11 3.54 -18.28
CA GLU A 237 18.58 4.81 -18.87
C GLU A 237 19.43 5.50 -17.83
N CYS A 238 19.14 5.08 -16.57
CA CYS A 238 19.89 5.52 -15.40
C CYS A 238 20.69 4.37 -14.79
N PRO A 239 21.71 4.74 -14.00
CA PRO A 239 22.50 3.73 -13.33
C PRO A 239 21.85 3.32 -12.02
N THR A 240 22.59 2.58 -11.20
CA THR A 240 22.06 2.04 -9.91
C THR A 240 22.69 2.71 -8.70
N GLU A 241 23.76 3.48 -9.03
CA GLU A 241 24.41 4.41 -8.10
C GLU A 241 23.43 5.42 -7.46
N LEU A 242 22.17 5.47 -7.99
CA LEU A 242 21.19 6.47 -7.58
C LEU A 242 20.11 5.92 -6.59
N PHE A 243 19.73 4.69 -6.93
CA PHE A 243 18.69 3.99 -6.20
C PHE A 243 19.13 3.10 -5.06
N PRO A 244 18.44 3.21 -3.91
CA PRO A 244 18.83 2.38 -2.77
C PRO A 244 18.76 0.90 -3.16
N PRO A 245 19.73 0.10 -2.72
CA PRO A 245 19.82 -1.34 -3.01
C PRO A 245 18.51 -2.11 -2.81
N LEU A 246 17.78 -1.79 -1.74
CA LEU A 246 16.52 -2.49 -1.46
C LEU A 246 15.45 -2.17 -2.48
N PHE A 247 15.49 -0.94 -2.98
CA PHE A 247 14.54 -0.52 -3.98
C PHE A 247 14.78 -1.39 -5.19
N LEU A 248 16.05 -1.57 -5.55
CA LEU A 248 16.41 -2.39 -6.71
C LEU A 248 16.07 -3.87 -6.56
N GLU A 249 16.33 -4.45 -5.39
CA GLU A 249 16.00 -5.85 -5.18
C GLU A 249 14.52 -6.08 -5.42
N VAL A 250 13.72 -5.11 -4.98
CA VAL A 250 12.29 -5.27 -5.25
C VAL A 250 11.89 -4.98 -6.72
N PHE A 251 12.06 -3.70 -7.17
CA PHE A 251 11.28 -3.31 -8.37
C PHE A 251 11.96 -3.60 -9.75
N GLU A 252 13.02 -4.44 -9.75
CA GLU A 252 13.50 -4.88 -11.05
C GLU A 252 13.32 -6.39 -11.23
N ASP A 253 12.94 -6.77 -12.47
CA ASP A 253 12.74 -8.18 -12.76
C ASP A 253 14.05 -8.96 -12.67
CAF G24 B . 12.39 7.92 -5.44
CAB G24 B . 13.61 7.71 -4.77
CAC G24 B . 14.34 6.53 -5.00
CAD G24 B . 13.85 5.56 -5.88
CAH G24 B . 12.62 5.76 -6.55
CAG G24 B . 11.89 6.95 -6.32
CAQ G24 B . 10.54 7.19 -7.02
CAP G24 B . 9.45 6.53 -6.17
CAO G24 B . 8.80 7.31 -5.19
CBA G24 B . 9.12 5.18 -6.31
OBC G24 B . 9.73 4.46 -7.28
CAZ G24 B . 8.13 4.60 -5.46
CAY G24 B . 7.49 5.39 -4.48
CAN G24 B . 7.83 6.74 -4.34
CAM G24 B . 7.13 7.69 -3.33
CAL G24 B . 6.85 7.07 -1.94
CAX G24 B . 5.55 6.61 -1.57
CBB G24 B . 4.39 6.72 -2.57
CAW G24 B . 5.30 6.06 -0.31
CAK G24 B . 7.88 6.94 -0.95
CAE G24 B . 9.32 7.39 -1.27
CAJ G24 B . 7.61 6.38 0.31
CAV G24 B . 6.34 5.95 0.64
OAU G24 B . 6.11 5.41 1.89
CAT G24 B . 4.77 5.69 2.38
CAS G24 B . 4.52 4.94 3.69
OAR G24 B . 4.51 3.69 3.65
OAI G24 B . 4.34 5.63 4.71
CAF G24 C . -2.76 4.30 18.31
CAB G24 C . -1.42 4.41 18.70
CAC G24 C . -1.09 4.64 20.04
CAD G24 C . -2.11 4.78 21.00
CAH G24 C . -3.45 4.68 20.61
CAG G24 C . -3.78 4.44 19.26
CAQ G24 C . -5.26 4.34 18.82
CAP G24 C . -5.93 5.70 19.06
CAO G24 C . -6.21 6.54 17.93
CBA G24 C . -6.28 6.16 20.35
OBC G24 C . -6.03 5.37 21.43
CAZ G24 C . -6.86 7.41 20.51
CAY G24 C . -7.12 8.23 19.41
CAN G24 C . -6.80 7.80 18.11
CAM G24 C . -7.17 8.79 16.99
CAL G24 C . -7.13 8.42 15.46
CAX G24 C . -7.02 7.11 14.85
CBB G24 C . -6.89 5.82 15.64
CAW G24 C . -7.03 6.96 13.45
CAK G24 C . -7.24 9.51 14.55
CAE G24 C . -7.36 10.94 15.09
CAJ G24 C . -7.26 9.35 13.17
CAV G24 C . -7.15 8.09 12.62
OAU G24 C . -7.18 7.97 11.25
CAT G24 C . -7.97 6.84 10.81
CAS G24 C . -9.47 7.11 10.99
OAR G24 C . -9.82 8.09 11.69
OAI G24 C . -10.28 6.33 10.43
#